data_7XM7
#
_entry.id   7XM7
#
_cell.length_a   53.969
_cell.length_b   90.180
_cell.length_c   59.110
_cell.angle_alpha   90.000
_cell.angle_beta   111.500
_cell.angle_gamma   90.000
#
_symmetry.space_group_name_H-M   'P 1 21 1'
#
loop_
_entity.id
_entity.type
_entity.pdbx_description
1 polymer 'CREB-binding protein'
2 non-polymer 3-ethanoyl-~{N}-[2-fluoranyl-3-(1-methylpyrazol-4-yl)phenyl]-7-methoxy-indolizine-1-carboxamide
3 non-polymer GLYCEROL
4 non-polymer 'NITRATE ION'
5 non-polymer 'DIMETHYL SULFOXIDE'
6 non-polymer DI(HYDROXYETHYL)ETHER
7 non-polymer 1,2-ETHANEDIOL
8 water water
#
_entity_poly.entity_id   1
_entity_poly.type   'polypeptide(L)'
_entity_poly.pdbx_seq_one_letter_code
;MKKGHHHHHHLVPRGSRKKIFKPEELRQALMPTLEALYRQDPESLPFRQPVDPQLLGIPDYFDIVKNPMDLSTIKRKLDT
GQYQEPWQYVDDVWLMFNNAWLYNRKTSRVYKFCSKLAEVFEQEIDPVMQSLG
;
_entity_poly.pdbx_strand_id   A,B,C,D
#
loop_
_chem_comp.id
_chem_comp.type
_chem_comp.name
_chem_comp.formula
DMS non-polymer 'DIMETHYL SULFOXIDE' 'C2 H6 O S'
EDO non-polymer 1,2-ETHANEDIOL 'C2 H6 O2'
GAY non-polymer 3-ethanoyl-~{N}-[2-fluoranyl-3-(1-methylpyrazol-4-yl)phenyl]-7-methoxy-indolizine-1-carboxamide 'C22 H19 F N4 O3'
GOL non-polymer GLYCEROL 'C3 H8 O3'
NO3 non-polymer 'NITRATE ION' 'N O3 -1'
PEG non-polymer DI(HYDROXYETHYL)ETHER 'C4 H10 O3'
#
# COMPACT_ATOMS: atom_id res chain seq x y z
N ILE A 20 -39.44 -10.30 29.75
CA ILE A 20 -38.91 -8.97 29.29
C ILE A 20 -37.38 -8.94 29.32
N PHE A 21 -36.75 -9.00 28.15
CA PHE A 21 -35.33 -8.68 27.96
C PHE A 21 -35.27 -7.34 27.26
N LYS A 22 -34.46 -6.40 27.78
CA LYS A 22 -34.22 -5.14 27.07
C LYS A 22 -33.19 -5.37 25.94
N PRO A 23 -33.43 -4.76 24.75
CA PRO A 23 -32.75 -5.10 23.48
C PRO A 23 -31.22 -5.14 23.47
N GLU A 24 -30.59 -4.32 24.29
CA GLU A 24 -29.12 -4.20 24.32
C GLU A 24 -28.52 -5.38 25.08
N GLU A 25 -29.25 -5.91 26.07
CA GLU A 25 -28.81 -7.13 26.76
C GLU A 25 -28.84 -8.34 25.82
N LEU A 26 -29.92 -8.47 25.06
CA LEU A 26 -30.04 -9.56 24.08
C LEU A 26 -28.96 -9.50 23.00
N ARG A 27 -28.71 -8.31 22.47
CA ARG A 27 -27.60 -8.08 21.53
C ARG A 27 -26.27 -8.54 22.13
N GLN A 28 -25.97 -8.06 23.35
CA GLN A 28 -24.69 -8.37 24.01
C GLN A 28 -24.49 -9.89 24.17
N ALA A 29 -25.52 -10.58 24.61
CA ALA A 29 -25.43 -12.01 24.85
C ALA A 29 -25.39 -12.88 23.58
N LEU A 30 -26.13 -12.50 22.55
CA LEU A 30 -26.29 -13.33 21.36
C LEU A 30 -25.34 -13.02 20.21
N MET A 31 -24.98 -11.74 20.05
CA MET A 31 -24.13 -11.33 18.92
C MET A 31 -22.82 -12.10 18.79
N PRO A 32 -22.12 -12.37 19.91
CA PRO A 32 -20.93 -13.22 19.80
C PRO A 32 -21.17 -14.59 19.20
N THR A 33 -22.35 -15.17 19.45
CA THR A 33 -22.76 -16.44 18.79
C THR A 33 -22.94 -16.29 17.27
N LEU A 34 -23.45 -15.17 16.77
CA LEU A 34 -23.44 -14.92 15.31
C LEU A 34 -22.02 -14.63 14.80
N GLU A 35 -21.19 -13.96 15.60
CA GLU A 35 -19.80 -13.63 15.19
C GLU A 35 -18.98 -14.92 14.94
N ALA A 36 -19.08 -15.87 15.88
CA ALA A 36 -18.48 -17.21 15.76
C ALA A 36 -18.83 -17.93 14.46
N LEU A 37 -20.07 -17.80 14.00
CA LEU A 37 -20.46 -18.45 12.74
C LEU A 37 -19.81 -17.73 11.59
N TYR A 38 -20.02 -16.42 11.57
CA TYR A 38 -19.61 -15.60 10.42
C TYR A 38 -18.10 -15.67 10.14
N ARG A 39 -17.32 -15.78 11.21
CA ARG A 39 -15.89 -15.85 11.06
C ARG A 39 -15.37 -17.18 10.49
N GLN A 40 -16.23 -18.22 10.37
CA GLN A 40 -15.77 -19.51 9.84
C GLN A 40 -15.50 -19.46 8.34
N ASP A 41 -14.26 -19.80 7.97
CA ASP A 41 -13.80 -19.73 6.60
C ASP A 41 -13.14 -21.05 6.30
N PRO A 42 -13.54 -21.75 5.25
CA PRO A 42 -14.50 -21.30 4.22
C PRO A 42 -15.99 -21.62 4.47
N GLU A 43 -16.34 -22.18 5.64
CA GLU A 43 -17.67 -22.83 5.82
C GLU A 43 -18.90 -21.91 5.79
N SER A 44 -18.72 -20.65 6.22
CA SER A 44 -19.86 -19.75 6.33
C SER A 44 -20.18 -19.10 4.98
N LEU A 45 -19.24 -19.12 4.05
CA LEU A 45 -19.39 -18.35 2.79
C LEU A 45 -20.71 -18.50 2.04
N PRO A 46 -21.19 -19.72 1.85
CA PRO A 46 -22.50 -19.91 1.20
C PRO A 46 -23.75 -19.45 2.01
N PHE A 47 -23.56 -19.15 3.28
CA PHE A 47 -24.60 -18.71 4.18
C PHE A 47 -24.56 -17.19 4.43
N ARG A 48 -23.55 -16.46 3.93
CA ARG A 48 -23.42 -15.01 4.22
C ARG A 48 -24.45 -14.07 3.56
N GLN A 49 -25.09 -14.53 2.48
CA GLN A 49 -26.03 -13.72 1.70
C GLN A 49 -27.14 -14.66 1.21
N PRO A 50 -28.30 -14.10 0.80
CA PRO A 50 -29.43 -14.92 0.28
C PRO A 50 -29.06 -15.75 -0.97
N VAL A 51 -29.61 -16.96 -1.07
CA VAL A 51 -29.38 -17.80 -2.24
C VAL A 51 -30.13 -17.24 -3.46
N ASP A 52 -29.41 -16.74 -4.44
CA ASP A 52 -29.96 -16.40 -5.76
C ASP A 52 -29.97 -17.67 -6.63
N PRO A 53 -31.13 -18.34 -6.80
CA PRO A 53 -31.12 -19.63 -7.50
C PRO A 53 -30.74 -19.62 -9.00
N GLN A 54 -30.99 -18.51 -9.71
CA GLN A 54 -30.69 -18.41 -11.14
C GLN A 54 -29.22 -18.18 -11.39
N LEU A 55 -28.61 -17.33 -10.57
CA LEU A 55 -27.17 -17.10 -10.66
C LEU A 55 -26.35 -18.31 -10.19
N LEU A 56 -26.92 -19.14 -9.32
CA LEU A 56 -26.28 -20.39 -8.91
C LEU A 56 -26.68 -21.58 -9.81
N GLY A 57 -27.48 -21.36 -10.86
CA GLY A 57 -27.98 -22.44 -11.71
C GLY A 57 -28.81 -23.53 -11.04
N ILE A 58 -29.57 -23.17 -10.00
CA ILE A 58 -30.40 -24.12 -9.22
C ILE A 58 -31.85 -23.63 -9.20
N PRO A 59 -32.46 -23.51 -10.39
CA PRO A 59 -33.75 -22.82 -10.51
C PRO A 59 -34.94 -23.53 -9.84
N ASP A 60 -34.73 -24.67 -9.21
CA ASP A 60 -35.75 -25.38 -8.42
C ASP A 60 -35.65 -25.14 -6.89
N TYR A 61 -34.82 -24.20 -6.47
CA TYR A 61 -34.57 -23.94 -5.04
C TYR A 61 -35.87 -23.56 -4.23
N PHE A 62 -36.70 -22.65 -4.72
CA PHE A 62 -37.87 -22.18 -3.92
C PHE A 62 -39.05 -23.15 -3.94
N ASP A 63 -39.02 -24.09 -4.87
CA ASP A 63 -39.97 -25.18 -4.87
C ASP A 63 -39.73 -26.15 -3.68
N ILE A 64 -38.48 -26.26 -3.21
CA ILE A 64 -38.15 -27.07 -2.00
C ILE A 64 -38.09 -26.22 -0.74
N VAL A 65 -37.31 -25.15 -0.80
CA VAL A 65 -37.04 -24.29 0.35
C VAL A 65 -38.10 -23.21 0.40
N LYS A 66 -39.04 -23.35 1.35
CA LYS A 66 -40.20 -22.46 1.44
C LYS A 66 -39.92 -21.15 2.15
N ASN A 67 -39.11 -21.18 3.22
CA ASN A 67 -38.81 -20.00 4.04
C ASN A 67 -37.29 -19.71 4.13
N PRO A 68 -36.72 -19.04 3.11
CA PRO A 68 -35.27 -18.78 3.08
C PRO A 68 -34.77 -17.92 4.22
N MET A 69 -33.56 -18.21 4.68
CA MET A 69 -32.92 -17.48 5.76
C MET A 69 -31.41 -17.52 5.53
N ASP A 70 -30.70 -16.47 5.93
CA ASP A 70 -29.23 -16.43 5.82
C ASP A 70 -28.62 -15.52 6.90
N LEU A 71 -27.29 -15.51 7.03
CA LEU A 71 -26.61 -14.79 8.10
C LEU A 71 -26.79 -13.28 8.00
N SER A 72 -27.02 -12.75 6.80
CA SER A 72 -27.09 -11.32 6.67
C SER A 72 -28.48 -10.84 7.19
N THR A 73 -29.53 -11.58 6.81
CA THR A 73 -30.90 -11.44 7.39
C THR A 73 -30.87 -11.57 8.89
N ILE A 74 -30.22 -12.60 9.42
CA ILE A 74 -30.14 -12.74 10.87
C ILE A 74 -29.42 -11.55 11.51
N LYS A 75 -28.29 -11.09 10.95
CA LYS A 75 -27.57 -9.92 11.49
C LYS A 75 -28.42 -8.63 11.52
N ARG A 76 -29.09 -8.31 10.40
CA ARG A 76 -29.98 -7.13 10.27
C ARG A 76 -31.14 -7.12 11.28
N LYS A 77 -31.77 -8.27 11.45
CA LYS A 77 -32.82 -8.41 12.47
C LYS A 77 -32.26 -8.25 13.88
N LEU A 78 -31.11 -8.84 14.17
CA LEU A 78 -30.50 -8.67 15.48
C LEU A 78 -30.04 -7.22 15.71
N ASP A 79 -29.41 -6.61 14.69
CA ASP A 79 -28.98 -5.20 14.75
C ASP A 79 -30.11 -4.21 15.18
N THR A 80 -31.28 -4.33 14.54
CA THR A 80 -32.44 -3.45 14.77
C THR A 80 -33.31 -3.79 15.99
N GLY A 81 -33.07 -4.95 16.62
CA GLY A 81 -33.85 -5.37 17.79
C GLY A 81 -35.11 -6.16 17.49
N GLN A 82 -35.29 -6.65 16.27
CA GLN A 82 -36.44 -7.49 15.91
C GLN A 82 -36.66 -8.74 16.75
N TYR A 83 -35.56 -9.33 17.25
CA TYR A 83 -35.66 -10.44 18.19
C TYR A 83 -35.85 -9.93 19.62
N GLN A 84 -37.06 -10.06 20.15
CA GLN A 84 -37.37 -9.67 21.52
C GLN A 84 -37.18 -10.81 22.53
N GLU A 85 -37.20 -12.07 22.04
CA GLU A 85 -36.94 -13.28 22.85
C GLU A 85 -35.77 -14.07 22.26
N PRO A 86 -34.93 -14.66 23.13
CA PRO A 86 -33.84 -15.52 22.60
C PRO A 86 -34.30 -16.64 21.63
N TRP A 87 -35.47 -17.23 21.86
CA TRP A 87 -35.93 -18.33 21.03
C TRP A 87 -36.18 -17.94 19.56
N GLN A 88 -36.50 -16.66 19.35
CA GLN A 88 -36.72 -16.15 18.01
C GLN A 88 -35.43 -16.17 17.20
N TYR A 89 -34.30 -16.07 17.91
CA TYR A 89 -33.00 -15.98 17.25
C TYR A 89 -32.55 -17.42 16.99
N VAL A 90 -32.59 -18.26 18.02
CA VAL A 90 -32.20 -19.67 17.89
C VAL A 90 -32.94 -20.30 16.71
N ASP A 91 -34.27 -20.16 16.67
CA ASP A 91 -35.11 -20.69 15.57
C ASP A 91 -34.74 -20.17 14.16
N ASP A 92 -34.39 -18.88 14.04
CA ASP A 92 -33.89 -18.36 12.74
C ASP A 92 -32.58 -19.06 12.29
N VAL A 93 -31.70 -19.34 13.25
CA VAL A 93 -30.43 -19.99 12.93
C VAL A 93 -30.67 -21.46 12.54
N TRP A 94 -31.52 -22.21 13.29
CA TRP A 94 -31.85 -23.57 12.90
C TRP A 94 -32.64 -23.61 11.57
N LEU A 95 -33.50 -22.63 11.30
CA LEU A 95 -34.15 -22.59 9.98
C LEU A 95 -33.10 -22.51 8.86
N MET A 96 -32.15 -21.58 9.03
CA MET A 96 -31.00 -21.51 8.14
C MET A 96 -30.30 -22.86 7.95
N PHE A 97 -29.95 -23.54 9.05
CA PHE A 97 -29.30 -24.85 8.93
C PHE A 97 -30.20 -25.91 8.25
N ASN A 98 -31.46 -26.01 8.71
CA ASN A 98 -32.40 -27.00 8.19
C ASN A 98 -32.64 -26.81 6.67
N ASN A 99 -32.74 -25.56 6.21
CA ASN A 99 -32.89 -25.32 4.77
C ASN A 99 -31.75 -25.93 3.95
N ALA A 100 -30.50 -25.80 4.40
CA ALA A 100 -29.35 -26.30 3.61
C ALA A 100 -29.28 -27.83 3.65
N TRP A 101 -29.41 -28.41 4.82
CA TRP A 101 -29.60 -29.87 5.00
C TRP A 101 -30.75 -30.49 4.16
N LEU A 102 -31.83 -29.77 3.92
CA LEU A 102 -32.96 -30.27 3.09
C LEU A 102 -32.60 -30.26 1.60
N TYR A 103 -32.18 -29.10 1.08
CA TYR A 103 -31.91 -28.96 -0.36
C TYR A 103 -30.69 -29.72 -0.84
N ASN A 104 -29.64 -29.79 -0.03
CA ASN A 104 -28.35 -30.32 -0.49
C ASN A 104 -28.17 -31.81 -0.18
N ARG A 105 -27.48 -32.52 -1.07
CA ARG A 105 -27.17 -33.93 -0.85
C ARG A 105 -26.24 -34.08 0.38
N LYS A 106 -26.31 -35.23 1.05
CA LYS A 106 -25.49 -35.50 2.26
C LYS A 106 -23.98 -35.65 1.96
N THR A 107 -23.67 -35.90 0.70
CA THR A 107 -22.29 -35.96 0.23
C THR A 107 -21.74 -34.63 -0.34
N SER A 108 -22.48 -33.51 -0.22
CA SER A 108 -22.07 -32.26 -0.89
C SER A 108 -21.21 -31.45 0.04
N ARG A 109 -20.30 -30.66 -0.53
CA ARG A 109 -19.56 -29.61 0.20
C ARG A 109 -20.46 -28.74 1.12
N VAL A 110 -21.51 -28.20 0.54
CA VAL A 110 -22.43 -27.32 1.25
C VAL A 110 -23.04 -28.00 2.49
N TYR A 111 -23.48 -29.25 2.37
CA TYR A 111 -24.09 -29.99 3.47
C TYR A 111 -23.14 -30.11 4.66
N LYS A 112 -21.90 -30.46 4.34
CA LYS A 112 -20.81 -30.60 5.31
C LYS A 112 -20.48 -29.26 5.97
N PHE A 113 -20.49 -28.20 5.17
CA PHE A 113 -20.27 -26.86 5.74
C PHE A 113 -21.33 -26.57 6.78
N CYS A 114 -22.58 -26.83 6.40
CA CYS A 114 -23.71 -26.65 7.30
C CYS A 114 -23.49 -27.32 8.67
N SER A 115 -23.15 -28.60 8.67
CA SER A 115 -23.01 -29.37 9.94
C SER A 115 -21.92 -28.87 10.90
N LYS A 116 -20.82 -28.38 10.30
CA LYS A 116 -19.70 -27.83 11.04
C LYS A 116 -20.16 -26.55 11.71
N LEU A 117 -20.83 -25.68 10.96
CA LEU A 117 -21.40 -24.44 11.55
C LEU A 117 -22.28 -24.71 12.75
N ALA A 118 -23.18 -25.70 12.60
CA ALA A 118 -24.06 -26.14 13.66
C ALA A 118 -23.31 -26.64 14.88
N GLU A 119 -22.27 -27.43 14.67
CA GLU A 119 -21.46 -27.87 15.79
C GLU A 119 -20.94 -26.66 16.53
N VAL A 120 -20.39 -25.72 15.75
CA VAL A 120 -19.89 -24.48 16.30
C VAL A 120 -20.99 -23.76 17.08
N PHE A 121 -22.16 -23.59 16.47
CA PHE A 121 -23.27 -22.87 17.12
C PHE A 121 -23.68 -23.42 18.48
N GLU A 122 -23.60 -24.73 18.62
CA GLU A 122 -24.08 -25.43 19.81
C GLU A 122 -23.14 -25.20 20.98
N GLN A 123 -21.85 -25.19 20.69
CA GLN A 123 -20.85 -24.83 21.69
C GLN A 123 -21.07 -23.42 22.23
N GLU A 124 -21.28 -22.47 21.32
CA GLU A 124 -21.47 -21.09 21.71
C GLU A 124 -22.79 -20.85 22.43
N ILE A 125 -23.87 -21.53 22.04
CA ILE A 125 -25.21 -21.12 22.46
C ILE A 125 -25.64 -21.70 23.80
N ASP A 126 -25.19 -22.91 24.13
CA ASP A 126 -25.63 -23.64 25.35
C ASP A 126 -25.49 -22.80 26.63
N PRO A 127 -24.25 -22.39 26.99
CA PRO A 127 -24.07 -21.56 28.19
C PRO A 127 -24.80 -20.22 28.15
N VAL A 128 -24.90 -19.63 26.96
CA VAL A 128 -25.66 -18.38 26.76
C VAL A 128 -27.12 -18.57 27.15
N MET A 129 -27.72 -19.71 26.83
CA MET A 129 -29.12 -19.99 27.24
C MET A 129 -29.22 -20.33 28.74
N GLN A 130 -28.22 -21.05 29.26
CA GLN A 130 -28.18 -21.44 30.67
C GLN A 130 -28.08 -20.27 31.65
N SER A 131 -27.58 -19.11 31.20
CA SER A 131 -27.45 -17.93 32.06
C SER A 131 -28.26 -16.73 31.53
N LEU A 132 -29.55 -16.97 31.28
CA LEU A 132 -30.48 -15.93 30.80
C LEU A 132 -31.89 -16.21 31.33
N LYS B 19 49.15 4.19 17.78
CA LYS B 19 49.53 4.45 16.36
C LYS B 19 48.39 4.09 15.36
N ILE B 20 47.85 2.86 15.45
CA ILE B 20 46.92 2.32 14.44
C ILE B 20 45.50 2.23 14.99
N PHE B 21 44.51 2.25 14.09
CA PHE B 21 43.09 1.96 14.42
C PHE B 21 42.59 0.87 13.49
N LYS B 22 41.89 -0.13 14.05
CA LYS B 22 41.20 -1.14 13.22
C LYS B 22 40.04 -0.50 12.42
N PRO B 23 39.94 -0.78 11.11
CA PRO B 23 38.99 -0.01 10.31
C PRO B 23 37.54 -0.03 10.83
N GLU B 24 37.12 -1.17 11.39
CA GLU B 24 35.74 -1.34 11.87
C GLU B 24 35.50 -0.46 13.11
N GLU B 25 36.52 -0.31 13.96
CA GLU B 25 36.34 0.47 15.21
C GLU B 25 36.30 1.98 14.94
N LEU B 26 37.01 2.43 13.91
CA LEU B 26 36.87 3.78 13.36
C LEU B 26 35.51 3.99 12.67
N ARG B 27 35.01 2.98 11.97
CA ARG B 27 33.62 3.01 11.47
C ARG B 27 32.63 3.29 12.60
N GLN B 28 32.75 2.54 13.70
CA GLN B 28 31.78 2.61 14.79
C GLN B 28 31.76 3.96 15.48
N ALA B 29 32.94 4.53 15.66
CA ALA B 29 33.06 5.82 16.29
C ALA B 29 32.51 6.92 15.40
N LEU B 30 32.84 6.85 14.12
CA LEU B 30 32.60 7.95 13.19
C LEU B 30 31.27 7.87 12.46
N MET B 31 30.78 6.67 12.18
CA MET B 31 29.55 6.57 11.38
C MET B 31 28.35 7.30 12.02
N PRO B 32 28.18 7.26 13.36
CA PRO B 32 27.12 8.08 13.97
C PRO B 32 27.21 9.58 13.66
N THR B 33 28.44 10.11 13.50
CA THR B 33 28.60 11.52 13.20
C THR B 33 28.12 11.82 11.76
N LEU B 34 28.40 10.92 10.82
CA LEU B 34 27.88 11.08 9.46
C LEU B 34 26.36 10.92 9.38
N GLU B 35 25.77 10.03 10.19
CA GLU B 35 24.31 9.78 10.14
C GLU B 35 23.54 10.99 10.71
N ALA B 36 24.16 11.68 11.67
CA ALA B 36 23.62 12.96 12.23
C ALA B 36 23.41 14.05 11.17
N LEU B 37 24.36 14.16 10.25
CA LEU B 37 24.27 15.14 9.15
C LEU B 37 23.26 14.72 8.11
N TYR B 38 23.34 13.45 7.71
CA TYR B 38 22.55 12.94 6.60
C TYR B 38 21.05 13.07 6.92
N ARG B 39 20.72 12.83 8.18
CA ARG B 39 19.32 12.88 8.63
C ARG B 39 18.73 14.31 8.75
N GLN B 40 19.55 15.39 8.67
CA GLN B 40 18.98 16.74 8.67
C GLN B 40 18.19 17.05 7.39
N ASP B 41 16.93 17.37 7.56
CA ASP B 41 16.02 17.64 6.46
C ASP B 41 15.42 18.99 6.81
N PRO B 42 15.49 20.01 5.94
CA PRO B 42 15.99 19.93 4.57
C PRO B 42 17.48 20.25 4.38
N GLU B 43 18.23 20.43 5.47
CA GLU B 43 19.55 21.04 5.39
C GLU B 43 20.62 20.15 4.76
N SER B 44 20.47 18.84 4.86
CA SER B 44 21.42 17.95 4.21
C SER B 44 21.21 17.81 2.70
N LEU B 45 20.06 18.22 2.18
CA LEU B 45 19.70 17.84 0.81
C LEU B 45 20.67 18.25 -0.30
N PRO B 46 21.09 19.54 -0.33
CA PRO B 46 22.08 19.93 -1.33
C PRO B 46 23.45 19.23 -1.20
N PHE B 47 23.71 18.57 -0.08
CA PHE B 47 24.97 17.91 0.23
C PHE B 47 24.99 16.39 0.01
N ARG B 48 23.84 15.78 -0.27
CA ARG B 48 23.76 14.32 -0.44
C ARG B 48 24.43 13.73 -1.71
N GLN B 49 24.78 14.56 -2.67
CA GLN B 49 25.31 14.09 -3.94
C GLN B 49 26.22 15.17 -4.56
N PRO B 50 27.12 14.77 -5.44
CA PRO B 50 28.04 15.75 -6.07
C PRO B 50 27.35 16.84 -6.91
N VAL B 51 27.80 18.08 -6.73
CA VAL B 51 27.31 19.23 -7.48
C VAL B 51 27.53 19.00 -8.97
N ASP B 52 26.44 18.88 -9.71
CA ASP B 52 26.46 18.88 -11.18
C ASP B 52 26.20 20.33 -11.73
N PRO B 53 27.26 21.05 -12.14
CA PRO B 53 27.06 22.49 -12.42
C PRO B 53 26.19 22.88 -13.65
N GLN B 54 26.21 22.06 -14.70
CA GLN B 54 25.31 22.24 -15.85
C GLN B 54 23.86 22.09 -15.46
N LEU B 55 23.58 21.12 -14.60
CA LEU B 55 22.20 20.86 -14.17
C LEU B 55 21.67 21.84 -13.12
N LEU B 56 22.55 22.59 -12.45
CA LEU B 56 22.12 23.59 -11.47
C LEU B 56 22.22 25.00 -12.03
N GLY B 57 22.47 25.12 -13.34
CA GLY B 57 22.66 26.41 -13.98
C GLY B 57 23.89 27.21 -13.55
N ILE B 58 24.99 26.54 -13.22
CA ILE B 58 26.15 27.22 -12.57
C ILE B 58 27.53 26.84 -13.16
N PRO B 59 27.73 27.07 -14.48
CA PRO B 59 28.94 26.59 -15.17
C PRO B 59 30.31 27.05 -14.63
N ASP B 60 30.34 28.06 -13.77
CA ASP B 60 31.59 28.54 -13.14
C ASP B 60 31.98 27.82 -11.82
N TYR B 61 31.31 26.73 -11.48
CA TYR B 61 31.51 26.06 -10.20
C TYR B 61 32.98 25.62 -10.01
N PHE B 62 33.54 24.92 -10.99
CA PHE B 62 34.88 24.34 -10.83
C PHE B 62 36.00 25.37 -10.95
N ASP B 63 35.68 26.59 -11.41
CA ASP B 63 36.63 27.69 -11.39
C ASP B 63 36.90 28.12 -9.94
N ILE B 64 35.87 28.09 -9.11
CA ILE B 64 36.00 28.48 -7.72
C ILE B 64 36.27 27.28 -6.81
N VAL B 65 35.64 26.13 -7.11
CA VAL B 65 35.75 24.91 -6.30
C VAL B 65 36.65 23.86 -6.98
N LYS B 66 37.91 23.78 -6.52
CA LYS B 66 38.94 22.88 -7.10
C LYS B 66 38.78 21.44 -6.67
N ASN B 67 38.29 21.22 -5.44
CA ASN B 67 38.32 19.95 -4.73
C ASN B 67 36.94 19.58 -4.14
N PRO B 68 36.01 19.11 -5.00
CA PRO B 68 34.65 18.85 -4.50
C PRO B 68 34.61 17.69 -3.50
N MET B 69 33.58 17.70 -2.67
CA MET B 69 33.35 16.69 -1.65
C MET B 69 31.88 16.77 -1.25
N ASP B 70 31.28 15.61 -0.99
CA ASP B 70 29.87 15.53 -0.59
C ASP B 70 29.67 14.28 0.31
N LEU B 71 28.48 14.16 0.91
CA LEU B 71 28.13 13.13 1.89
C LEU B 71 28.24 11.69 1.33
N SER B 72 27.88 11.52 0.05
CA SER B 72 27.88 10.19 -0.54
C SER B 72 29.34 9.74 -0.77
N THR B 73 30.19 10.68 -1.22
CA THR B 73 31.63 10.44 -1.36
C THR B 73 32.23 10.10 -0.01
N ILE B 74 31.89 10.88 1.01
CA ILE B 74 32.40 10.60 2.38
C ILE B 74 31.97 9.24 2.94
N LYS B 75 30.70 8.87 2.77
CA LYS B 75 30.20 7.58 3.20
C LYS B 75 30.89 6.40 2.47
N ARG B 76 30.97 6.47 1.13
CA ARG B 76 31.65 5.43 0.32
C ARG B 76 33.08 5.18 0.82
N LYS B 77 33.81 6.25 1.10
CA LYS B 77 35.19 6.16 1.63
C LYS B 77 35.23 5.55 3.02
N LEU B 78 34.27 5.91 3.85
CA LEU B 78 34.17 5.34 5.19
C LEU B 78 33.79 3.87 5.11
N ASP B 79 32.81 3.53 4.28
CA ASP B 79 32.36 2.13 4.15
C ASP B 79 33.47 1.14 3.76
N THR B 80 34.36 1.56 2.86
CA THR B 80 35.45 0.69 2.37
C THR B 80 36.77 0.81 3.14
N GLY B 81 36.83 1.56 4.23
CA GLY B 81 38.02 1.61 5.09
C GLY B 81 39.12 2.56 4.64
N GLN B 82 38.81 3.42 3.67
CA GLN B 82 39.76 4.38 3.11
C GLN B 82 40.25 5.47 4.08
N TYR B 83 39.44 5.81 5.09
CA TYR B 83 39.92 6.64 6.20
C TYR B 83 40.66 5.81 7.28
N GLN B 84 41.98 5.81 7.25
CA GLN B 84 42.75 5.09 8.26
C GLN B 84 43.04 5.86 9.56
N GLU B 85 42.98 7.20 9.51
CA GLU B 85 43.15 8.09 10.67
C GLU B 85 41.93 8.96 10.79
N PRO B 86 41.48 9.25 12.02
CA PRO B 86 40.31 10.13 12.22
C PRO B 86 40.39 11.50 11.54
N TRP B 87 41.58 12.09 11.48
CA TRP B 87 41.72 13.42 10.87
C TRP B 87 41.40 13.46 9.36
N GLN B 88 41.46 12.32 8.69
CA GLN B 88 41.24 12.26 7.26
C GLN B 88 39.76 12.40 6.94
N TYR B 89 38.92 11.91 7.87
CA TYR B 89 37.46 12.00 7.74
C TYR B 89 37.02 13.40 8.12
N VAL B 90 37.54 13.88 9.26
CA VAL B 90 37.25 15.22 9.77
C VAL B 90 37.53 16.25 8.68
N ASP B 91 38.72 16.20 8.09
CA ASP B 91 39.09 17.17 7.05
C ASP B 91 38.21 17.08 5.81
N ASP B 92 37.70 15.88 5.48
CA ASP B 92 36.77 15.70 4.31
C ASP B 92 35.38 16.35 4.55
N VAL B 93 34.93 16.32 5.80
CA VAL B 93 33.72 17.01 6.17
C VAL B 93 33.91 18.55 6.10
N TRP B 94 34.95 19.09 6.75
CA TRP B 94 35.27 20.55 6.66
C TRP B 94 35.49 21.06 5.23
N LEU B 95 36.06 20.21 4.37
CA LEU B 95 36.24 20.56 2.96
C LEU B 95 34.89 20.75 2.28
N MET B 96 33.95 19.82 2.53
CA MET B 96 32.61 19.90 1.99
C MET B 96 31.95 21.22 2.40
N PHE B 97 32.00 21.54 3.70
CA PHE B 97 31.47 22.81 4.21
C PHE B 97 32.21 24.05 3.67
N ASN B 98 33.55 23.97 3.52
CA ASN B 98 34.33 25.14 3.10
C ASN B 98 34.05 25.40 1.64
N ASN B 99 33.87 24.35 0.84
CA ASN B 99 33.43 24.52 -0.56
C ASN B 99 32.07 25.23 -0.66
N ALA B 100 31.09 24.87 0.17
CA ALA B 100 29.77 25.54 0.09
C ALA B 100 29.84 27.01 0.58
N TRP B 101 30.48 27.22 1.73
CA TRP B 101 30.79 28.56 2.23
C TRP B 101 31.55 29.47 1.25
N LEU B 102 32.45 28.94 0.43
CA LEU B 102 33.18 29.76 -0.55
C LEU B 102 32.34 30.09 -1.80
N TYR B 103 31.62 29.12 -2.34
CA TYR B 103 30.83 29.34 -3.57
C TYR B 103 29.58 30.17 -3.36
N ASN B 104 28.93 30.04 -2.22
CA ASN B 104 27.57 30.59 -2.01
C ASN B 104 27.59 31.87 -1.17
N ARG B 105 26.75 32.85 -1.51
CA ARG B 105 26.70 34.14 -0.78
C ARG B 105 26.18 33.91 0.64
N LYS B 106 26.60 34.74 1.60
CA LYS B 106 26.19 34.62 3.02
C LYS B 106 24.67 34.78 3.24
N THR B 107 23.99 35.41 2.31
CA THR B 107 22.54 35.57 2.32
C THR B 107 21.76 34.38 1.72
N SER B 108 22.44 33.43 1.09
CA SER B 108 21.76 32.30 0.41
C SER B 108 21.25 31.23 1.36
N ARG B 109 20.24 30.51 0.90
CA ARG B 109 19.66 29.37 1.63
C ARG B 109 20.72 28.25 1.85
N VAL B 110 21.40 27.88 0.79
CA VAL B 110 22.47 26.87 0.84
C VAL B 110 23.58 27.17 1.88
N TYR B 111 24.02 28.43 1.95
CA TYR B 111 25.01 28.88 2.93
C TYR B 111 24.50 28.69 4.33
N LYS B 112 23.25 29.11 4.55
CA LYS B 112 22.56 28.85 5.81
C LYS B 112 22.51 27.37 6.19
N PHE B 113 22.17 26.54 5.22
CA PHE B 113 22.10 25.08 5.47
C PHE B 113 23.45 24.55 5.86
N CYS B 114 24.49 25.05 5.18
CA CYS B 114 25.87 24.63 5.44
C CYS B 114 26.21 24.89 6.90
N SER B 115 25.98 26.14 7.33
CA SER B 115 26.27 26.56 8.70
C SER B 115 25.57 25.73 9.78
N LYS B 116 24.31 25.38 9.53
CA LYS B 116 23.51 24.59 10.46
C LYS B 116 24.04 23.14 10.53
N LEU B 117 24.33 22.55 9.37
CA LEU B 117 25.06 21.25 9.35
C LEU B 117 26.33 21.26 10.20
N ALA B 118 27.10 22.34 10.07
CA ALA B 118 28.36 22.49 10.80
C ALA B 118 28.20 22.51 12.32
N GLU B 119 27.19 23.21 12.80
CA GLU B 119 26.91 23.28 14.24
C GLU B 119 26.65 21.88 14.76
N VAL B 120 25.81 21.16 14.03
CA VAL B 120 25.49 19.77 14.34
C VAL B 120 26.76 18.88 14.39
N PHE B 121 27.60 18.98 13.36
CA PHE B 121 28.89 18.24 13.34
C PHE B 121 29.79 18.47 14.55
N GLU B 122 29.88 19.70 15.03
CA GLU B 122 30.69 20.00 16.22
C GLU B 122 30.16 19.35 17.46
N GLN B 123 28.85 19.38 17.62
CA GLN B 123 28.18 18.70 18.73
C GLN B 123 28.46 17.19 18.75
N GLU B 124 28.46 16.57 17.58
CA GLU B 124 28.80 15.13 17.45
C GLU B 124 30.31 14.82 17.54
N ILE B 125 31.16 15.54 16.82
CA ILE B 125 32.56 15.13 16.66
C ILE B 125 33.44 15.41 17.90
N ASP B 126 33.04 16.39 18.72
CA ASP B 126 33.86 16.89 19.84
C ASP B 126 34.24 15.77 20.83
N PRO B 127 33.24 15.09 21.43
CA PRO B 127 33.54 13.95 22.32
C PRO B 127 34.31 12.76 21.70
N VAL B 128 34.16 12.54 20.39
CA VAL B 128 34.71 11.37 19.74
C VAL B 128 36.22 11.47 19.50
N MET B 129 36.72 12.68 19.28
CA MET B 129 38.16 12.91 19.23
C MET B 129 38.75 12.90 20.65
N GLN B 130 38.00 13.45 21.62
CA GLN B 130 38.37 13.42 23.05
C GLN B 130 38.65 12.02 23.60
N SER B 131 38.18 10.98 22.91
CA SER B 131 38.50 9.59 23.26
C SER B 131 39.00 8.78 22.06
N LEU B 132 40.09 9.24 21.43
CA LEU B 132 40.78 8.46 20.37
C LEU B 132 42.27 8.84 20.31
N ILE C 20 8.23 -16.60 -25.35
CA ILE C 20 9.71 -16.44 -25.54
C ILE C 20 10.08 -15.02 -26.00
N PHE C 21 11.27 -14.58 -25.59
CA PHE C 21 11.85 -13.28 -25.96
C PHE C 21 13.37 -13.43 -26.01
N LYS C 22 14.02 -12.76 -26.95
CA LYS C 22 15.50 -12.67 -26.98
C LYS C 22 15.93 -11.69 -25.86
N PRO C 23 16.69 -12.12 -24.83
CA PRO C 23 16.99 -11.18 -23.72
C PRO C 23 17.73 -9.86 -24.07
N GLU C 24 18.40 -9.80 -25.22
CA GLU C 24 18.92 -8.52 -25.73
C GLU C 24 17.78 -7.66 -26.28
N GLU C 25 16.73 -8.30 -26.83
CA GLU C 25 15.50 -7.62 -27.30
C GLU C 25 14.79 -6.91 -26.14
N LEU C 26 14.72 -7.57 -24.97
CA LEU C 26 14.06 -7.01 -23.77
C LEU C 26 14.86 -5.87 -23.19
N ARG C 27 16.12 -6.15 -22.89
CA ARG C 27 17.02 -5.16 -22.35
C ARG C 27 17.00 -3.88 -23.20
N GLN C 28 17.26 -4.01 -24.50
CA GLN C 28 17.35 -2.86 -25.41
C GLN C 28 16.04 -2.06 -25.56
N ALA C 29 14.89 -2.72 -25.43
CA ALA C 29 13.59 -2.08 -25.56
C ALA C 29 13.05 -1.47 -24.25
N LEU C 30 13.31 -2.12 -23.12
CA LEU C 30 12.90 -1.62 -21.81
C LEU C 30 13.85 -0.56 -21.25
N MET C 31 15.15 -0.71 -21.48
CA MET C 31 16.18 0.24 -20.96
C MET C 31 15.96 1.75 -21.20
N PRO C 32 15.43 2.16 -22.38
CA PRO C 32 15.13 3.59 -22.57
C PRO C 32 14.10 4.16 -21.59
N THR C 33 13.13 3.33 -21.18
CA THR C 33 12.12 3.79 -20.21
C THR C 33 12.73 3.97 -18.80
N LEU C 34 13.68 3.10 -18.44
CA LEU C 34 14.46 3.27 -17.20
C LEU C 34 15.26 4.60 -17.22
N GLU C 35 15.97 4.86 -18.31
CA GLU C 35 16.77 6.09 -18.45
C GLU C 35 15.92 7.33 -18.25
N ALA C 36 14.78 7.41 -18.95
CA ALA C 36 13.76 8.50 -18.74
C ALA C 36 13.46 8.84 -17.24
N LEU C 37 13.34 7.81 -16.40
CA LEU C 37 13.17 7.95 -14.96
C LEU C 37 14.44 8.49 -14.27
N TYR C 38 15.60 7.93 -14.60
CA TYR C 38 16.88 8.45 -14.07
C TYR C 38 17.15 9.90 -14.39
N ARG C 39 16.70 10.37 -15.56
CA ARG C 39 17.01 11.73 -15.99
C ARG C 39 16.07 12.81 -15.42
N GLN C 40 15.00 12.43 -14.72
CA GLN C 40 14.22 13.44 -14.00
C GLN C 40 14.99 13.85 -12.75
N ASP C 41 15.46 15.09 -12.76
CA ASP C 41 16.13 15.70 -11.63
C ASP C 41 15.25 16.91 -11.27
N PRO C 42 14.89 17.11 -10.00
CA PRO C 42 15.36 16.32 -8.82
C PRO C 42 14.57 15.03 -8.44
N GLU C 43 13.54 14.68 -9.22
CA GLU C 43 12.53 13.72 -8.78
C GLU C 43 12.95 12.23 -8.70
N SER C 44 14.02 11.83 -9.37
CA SER C 44 14.56 10.46 -9.21
C SER C 44 15.48 10.31 -8.01
N LEU C 45 15.99 11.43 -7.48
CA LEU C 45 17.00 11.39 -6.40
C LEU C 45 16.61 10.56 -5.17
N PRO C 46 15.34 10.61 -4.75
CA PRO C 46 14.97 9.69 -3.65
C PRO C 46 14.94 8.20 -4.04
N PHE C 47 14.93 7.88 -5.33
CA PHE C 47 14.72 6.54 -5.86
C PHE C 47 15.97 5.84 -6.46
N ARG C 48 17.11 6.53 -6.55
CA ARG C 48 18.37 6.00 -7.13
C ARG C 48 19.13 4.96 -6.28
N GLN C 49 18.67 4.73 -5.05
CA GLN C 49 19.32 3.82 -4.17
C GLN C 49 18.30 3.24 -3.18
N PRO C 50 18.63 2.06 -2.60
CA PRO C 50 17.73 1.48 -1.61
C PRO C 50 17.57 2.40 -0.42
N VAL C 51 16.38 2.43 0.17
CA VAL C 51 16.11 3.24 1.35
C VAL C 51 17.00 2.72 2.47
N ASP C 52 17.62 3.65 3.21
CA ASP C 52 18.61 3.31 4.27
C ASP C 52 18.12 3.97 5.57
N PRO C 53 17.27 3.25 6.35
CA PRO C 53 16.58 3.78 7.54
C PRO C 53 17.41 4.39 8.64
N GLN C 54 18.54 3.76 8.95
CA GLN C 54 19.51 4.27 9.93
C GLN C 54 20.11 5.59 9.45
N LEU C 55 20.34 5.67 8.14
CA LEU C 55 20.95 6.85 7.55
C LEU C 55 19.92 7.99 7.45
N LEU C 56 18.69 7.63 7.10
CA LEU C 56 17.66 8.62 6.95
C LEU C 56 16.85 8.84 8.24
N GLY C 57 17.15 8.10 9.31
CA GLY C 57 16.48 8.28 10.60
C GLY C 57 15.00 7.92 10.63
N ILE C 58 14.64 6.81 9.97
CA ILE C 58 13.25 6.31 9.91
C ILE C 58 13.23 4.83 10.33
N PRO C 59 13.52 4.54 11.61
CA PRO C 59 13.67 3.16 12.05
C PRO C 59 12.41 2.25 11.95
N ASP C 60 11.22 2.81 11.73
CA ASP C 60 10.00 2.00 11.43
C ASP C 60 9.79 1.65 9.94
N TYR C 61 10.68 2.10 9.03
CA TYR C 61 10.46 1.86 7.60
C TYR C 61 10.19 0.38 7.19
N PHE C 62 10.89 -0.59 7.80
CA PHE C 62 10.71 -2.02 7.40
C PHE C 62 9.52 -2.73 8.07
N ASP C 63 9.03 -2.18 9.16
CA ASP C 63 7.73 -2.58 9.71
C ASP C 63 6.54 -2.37 8.73
N ILE C 64 6.64 -1.38 7.85
CA ILE C 64 5.55 -0.99 6.95
C ILE C 64 5.76 -1.38 5.50
N VAL C 65 6.99 -1.18 5.02
CA VAL C 65 7.37 -1.56 3.67
C VAL C 65 7.99 -2.93 3.85
N LYS C 66 7.51 -3.93 3.09
CA LYS C 66 7.96 -5.33 3.27
C LYS C 66 8.83 -5.85 2.11
N ASN C 67 8.67 -5.29 0.92
CA ASN C 67 9.39 -5.68 -0.26
C ASN C 67 9.99 -4.43 -0.85
N PRO C 68 11.06 -3.91 -0.25
CA PRO C 68 11.77 -2.74 -0.79
C PRO C 68 12.19 -2.88 -2.23
N MET C 69 12.19 -1.76 -2.94
CA MET C 69 12.62 -1.68 -4.33
C MET C 69 13.12 -0.25 -4.67
N ASP C 70 14.07 -0.16 -5.60
CA ASP C 70 14.61 1.14 -6.03
C ASP C 70 15.16 1.04 -7.45
N LEU C 71 15.54 2.18 -8.02
CA LEU C 71 16.03 2.21 -9.41
C LEU C 71 17.30 1.43 -9.61
N SER C 72 18.21 1.41 -8.63
CA SER C 72 19.49 0.67 -8.82
C SER C 72 19.27 -0.86 -8.88
N THR C 73 18.37 -1.37 -8.06
CA THR C 73 18.00 -2.79 -8.10
C THR C 73 17.31 -3.16 -9.41
N ILE C 74 16.39 -2.32 -9.88
CA ILE C 74 15.75 -2.59 -11.16
C ILE C 74 16.80 -2.64 -12.26
N LYS C 75 17.71 -1.67 -12.30
CA LYS C 75 18.77 -1.63 -13.33
C LYS C 75 19.68 -2.87 -13.33
N ARG C 76 20.12 -3.28 -12.13
CA ARG C 76 20.90 -4.49 -11.94
C ARG C 76 20.18 -5.72 -12.46
N LYS C 77 18.90 -5.86 -12.15
CA LYS C 77 18.10 -6.96 -12.67
C LYS C 77 17.99 -6.97 -14.21
N LEU C 78 17.80 -5.80 -14.81
CA LEU C 78 17.74 -5.68 -16.27
C LEU C 78 19.09 -5.85 -16.95
N ASP C 79 20.19 -5.62 -16.25
CA ASP C 79 21.52 -5.82 -16.82
C ASP C 79 22.06 -7.21 -16.62
N THR C 80 21.43 -8.01 -15.78
CA THR C 80 21.86 -9.39 -15.48
C THR C 80 20.81 -10.44 -15.88
N GLY C 81 19.94 -10.08 -16.82
CA GLY C 81 18.86 -10.94 -17.31
C GLY C 81 17.93 -11.58 -16.29
N GLN C 82 17.57 -10.87 -15.21
CA GLN C 82 16.66 -11.45 -14.20
C GLN C 82 15.21 -11.35 -14.61
N TYR C 83 14.93 -10.63 -15.69
CA TYR C 83 13.56 -10.43 -16.14
C TYR C 83 13.31 -11.25 -17.40
N GLN C 84 12.56 -12.34 -17.25
CA GLN C 84 12.16 -13.17 -18.40
C GLN C 84 11.08 -12.54 -19.30
N GLU C 85 10.27 -11.63 -18.75
CA GLU C 85 9.11 -11.05 -19.46
C GLU C 85 8.88 -9.57 -19.08
N PRO C 86 8.27 -8.78 -19.99
CA PRO C 86 8.08 -7.33 -19.72
C PRO C 86 7.32 -6.96 -18.43
N TRP C 87 6.23 -7.68 -18.14
CA TRP C 87 5.40 -7.39 -16.96
C TRP C 87 6.14 -7.46 -15.59
N GLN C 88 7.19 -8.28 -15.50
CA GLN C 88 8.02 -8.36 -14.28
C GLN C 88 8.79 -7.06 -13.98
N TYR C 89 9.33 -6.42 -15.01
CA TYR C 89 10.02 -5.15 -14.88
C TYR C 89 9.02 -4.11 -14.42
N VAL C 90 7.91 -4.04 -15.17
CA VAL C 90 6.78 -3.17 -14.88
C VAL C 90 6.31 -3.35 -13.43
N ASP C 91 6.15 -4.59 -12.99
CA ASP C 91 5.80 -4.88 -11.57
C ASP C 91 6.80 -4.30 -10.54
N ASP C 92 8.08 -4.35 -10.89
CA ASP C 92 9.11 -3.81 -10.01
C ASP C 92 9.08 -2.29 -10.01
N VAL C 93 8.83 -1.65 -11.15
CA VAL C 93 8.69 -0.17 -11.21
C VAL C 93 7.50 0.29 -10.34
N TRP C 94 6.32 -0.31 -10.56
CA TRP C 94 5.15 0.00 -9.73
C TRP C 94 5.27 -0.37 -8.26
N LEU C 95 5.98 -1.45 -7.92
CA LEU C 95 6.25 -1.77 -6.52
C LEU C 95 7.00 -0.60 -5.81
N MET C 96 8.04 -0.08 -6.46
CA MET C 96 8.80 1.04 -5.98
C MET C 96 7.89 2.23 -5.69
N PHE C 97 7.11 2.60 -6.71
CA PHE C 97 6.16 3.66 -6.61
C PHE C 97 5.19 3.42 -5.44
N ASN C 98 4.54 2.25 -5.39
CA ASN C 98 3.56 1.93 -4.32
C ASN C 98 4.11 1.93 -2.90
N ASN C 99 5.37 1.54 -2.76
CA ASN C 99 6.10 1.57 -1.49
C ASN C 99 6.18 3.05 -1.00
N ALA C 100 6.48 3.95 -1.92
CA ALA C 100 6.68 5.36 -1.57
C ALA C 100 5.37 6.06 -1.19
N TRP C 101 4.36 5.88 -2.03
CA TRP C 101 2.96 6.28 -1.70
C TRP C 101 2.45 5.67 -0.38
N LEU C 102 2.86 4.45 -0.05
CA LEU C 102 2.46 3.79 1.20
C LEU C 102 3.06 4.45 2.42
N TYR C 103 4.38 4.46 2.46
CA TYR C 103 5.15 4.98 3.62
C TYR C 103 5.07 6.51 3.85
N ASN C 104 5.03 7.30 2.79
CA ASN C 104 5.21 8.76 2.94
C ASN C 104 3.91 9.54 2.90
N ARG C 105 3.87 10.65 3.63
CA ARG C 105 2.65 11.48 3.66
C ARG C 105 2.48 12.14 2.29
N LYS C 106 1.22 12.43 1.93
CA LYS C 106 0.86 13.05 0.61
C LYS C 106 1.53 14.41 0.33
N THR C 107 1.86 15.12 1.40
CA THR C 107 2.49 16.42 1.36
C THR C 107 4.02 16.38 1.14
N SER C 108 4.66 15.23 1.33
CA SER C 108 6.13 15.14 1.32
C SER C 108 6.71 15.24 -0.06
N ARG C 109 7.96 15.68 -0.10
CA ARG C 109 8.80 15.65 -1.28
C ARG C 109 8.79 14.28 -1.97
N VAL C 110 8.96 13.23 -1.17
CA VAL C 110 9.11 11.87 -1.73
C VAL C 110 7.84 11.47 -2.48
N TYR C 111 6.68 11.70 -1.86
CA TYR C 111 5.36 11.32 -2.42
C TYR C 111 5.07 12.03 -3.74
N LYS C 112 5.30 13.34 -3.75
CA LYS C 112 5.03 14.17 -4.96
C LYS C 112 6.01 13.86 -6.10
N PHE C 113 7.29 13.68 -5.76
CA PHE C 113 8.29 13.26 -6.73
C PHE C 113 7.88 11.90 -7.32
N CYS C 114 7.45 10.97 -6.46
CA CYS C 114 6.99 9.66 -6.91
C CYS C 114 5.93 9.83 -7.98
N SER C 115 4.92 10.65 -7.67
CA SER C 115 3.84 10.91 -8.61
C SER C 115 4.33 11.45 -9.96
N LYS C 116 5.27 12.39 -9.95
CA LYS C 116 5.89 12.87 -11.19
C LYS C 116 6.56 11.74 -12.01
N LEU C 117 7.31 10.87 -11.34
CA LEU C 117 7.96 9.73 -12.01
C LEU C 117 6.96 8.78 -12.66
N ALA C 118 5.80 8.57 -12.01
CA ALA C 118 4.71 7.74 -12.56
C ALA C 118 4.08 8.27 -13.85
N GLU C 119 3.91 9.58 -13.94
CA GLU C 119 3.43 10.22 -15.17
C GLU C 119 4.40 9.92 -16.31
N VAL C 120 5.65 10.33 -16.13
CA VAL C 120 6.69 10.07 -17.11
C VAL C 120 6.75 8.58 -17.51
N PHE C 121 6.63 7.67 -16.55
CA PHE C 121 6.63 6.25 -16.87
C PHE C 121 5.56 5.90 -17.91
N GLU C 122 4.31 6.29 -17.65
CA GLU C 122 3.19 5.91 -18.54
C GLU C 122 3.26 6.47 -19.96
N GLN C 123 3.92 7.62 -20.08
CA GLN C 123 4.23 8.19 -21.38
C GLN C 123 5.32 7.37 -22.11
N GLU C 124 6.24 6.74 -21.37
CA GLU C 124 7.35 5.96 -21.96
C GLU C 124 7.03 4.47 -22.17
N ILE C 125 6.34 3.88 -21.20
CA ILE C 125 6.07 2.44 -21.20
C ILE C 125 4.98 2.00 -22.18
N ASP C 126 3.99 2.86 -22.40
CA ASP C 126 2.82 2.52 -23.22
C ASP C 126 3.15 2.08 -24.68
N PRO C 127 3.91 2.92 -25.44
CA PRO C 127 4.27 2.54 -26.82
C PRO C 127 5.20 1.33 -26.90
N VAL C 128 6.11 1.21 -25.92
CA VAL C 128 7.07 0.11 -25.86
C VAL C 128 6.34 -1.20 -25.58
N MET C 129 5.50 -1.20 -24.56
CA MET C 129 4.67 -2.36 -24.22
C MET C 129 3.82 -2.85 -25.40
N GLN C 130 3.24 -1.90 -26.15
CA GLN C 130 2.29 -2.22 -27.24
C GLN C 130 2.87 -3.07 -28.38
N SER C 131 4.17 -2.96 -28.63
CA SER C 131 4.83 -3.83 -29.62
C SER C 131 4.97 -5.27 -29.14
N LEU C 132 5.33 -5.46 -27.87
CA LEU C 132 5.80 -6.75 -27.35
C LEU C 132 4.67 -7.67 -26.84
N ILE D 20 -16.26 22.58 -13.75
CA ILE D 20 -17.75 22.78 -13.65
C ILE D 20 -18.50 21.69 -14.43
N PHE D 21 -18.63 20.52 -13.80
CA PHE D 21 -19.45 19.40 -14.31
C PHE D 21 -20.82 19.44 -13.63
N LYS D 22 -21.89 19.51 -14.43
CA LYS D 22 -23.25 19.38 -13.91
C LYS D 22 -23.41 18.01 -13.24
N PRO D 23 -23.51 17.97 -11.89
CA PRO D 23 -23.42 16.68 -11.18
C PRO D 23 -24.23 15.54 -11.74
N GLU D 24 -25.38 15.82 -12.35
CA GLU D 24 -26.19 14.76 -12.99
C GLU D 24 -25.53 14.09 -14.19
N GLU D 25 -24.72 14.83 -14.94
CA GLU D 25 -23.91 14.24 -16.01
C GLU D 25 -22.95 13.20 -15.42
N LEU D 26 -22.20 13.62 -14.38
CA LEU D 26 -21.22 12.76 -13.67
C LEU D 26 -21.78 11.41 -13.27
N ARG D 27 -22.92 11.43 -12.58
CA ARG D 27 -23.62 10.20 -12.15
C ARG D 27 -23.93 9.31 -13.35
N GLN D 28 -24.60 9.87 -14.34
CA GLN D 28 -25.04 9.11 -15.49
C GLN D 28 -23.86 8.60 -16.32
N ALA D 29 -22.77 9.36 -16.39
CA ALA D 29 -21.57 8.90 -17.07
C ALA D 29 -20.82 7.80 -16.30
N LEU D 30 -20.65 7.98 -14.99
CA LEU D 30 -19.87 7.07 -14.14
C LEU D 30 -20.60 5.83 -13.62
N MET D 31 -21.93 5.85 -13.49
CA MET D 31 -22.63 4.72 -12.87
C MET D 31 -22.48 3.39 -13.61
N PRO D 32 -22.61 3.37 -14.96
CA PRO D 32 -22.36 2.10 -15.68
C PRO D 32 -21.06 1.38 -15.30
N THR D 33 -20.04 2.15 -14.93
CA THR D 33 -18.75 1.61 -14.48
C THR D 33 -18.81 0.98 -13.08
N LEU D 34 -19.57 1.60 -12.16
CA LEU D 34 -19.83 1.02 -10.84
C LEU D 34 -20.71 -0.23 -10.93
N GLU D 35 -21.75 -0.18 -11.78
CA GLU D 35 -22.63 -1.33 -12.02
C GLU D 35 -21.85 -2.52 -12.55
N ALA D 36 -20.95 -2.28 -13.51
CA ALA D 36 -20.08 -3.34 -14.02
C ALA D 36 -19.43 -4.12 -12.86
N LEU D 37 -18.83 -3.38 -11.91
CA LEU D 37 -18.23 -3.98 -10.71
C LEU D 37 -19.19 -4.80 -9.84
N TYR D 38 -20.33 -4.22 -9.44
CA TYR D 38 -21.40 -4.98 -8.74
C TYR D 38 -21.84 -6.24 -9.48
N ARG D 39 -21.89 -6.16 -10.81
CA ARG D 39 -22.32 -7.27 -11.64
C ARG D 39 -21.42 -8.53 -11.55
N GLN D 40 -20.15 -8.37 -11.15
CA GLN D 40 -19.24 -9.54 -11.07
C GLN D 40 -19.51 -10.33 -9.79
N ASP D 41 -19.90 -11.59 -9.97
CA ASP D 41 -20.15 -12.51 -8.89
C ASP D 41 -19.42 -13.82 -9.25
N PRO D 42 -18.56 -14.35 -8.36
CA PRO D 42 -18.50 -13.97 -6.94
C PRO D 42 -17.57 -12.80 -6.55
N GLU D 43 -16.88 -12.18 -7.49
CA GLU D 43 -15.73 -11.32 -7.16
C GLU D 43 -16.07 -9.98 -6.45
N SER D 44 -17.32 -9.52 -6.52
CA SER D 44 -17.73 -8.30 -5.80
C SER D 44 -18.18 -8.52 -4.34
N LEU D 45 -18.54 -9.75 -3.98
CA LEU D 45 -18.98 -10.04 -2.60
C LEU D 45 -18.06 -9.56 -1.47
N PRO D 46 -16.72 -9.73 -1.62
CA PRO D 46 -15.92 -9.13 -0.54
C PRO D 46 -16.04 -7.62 -0.42
N PHE D 47 -16.44 -6.94 -1.50
CA PHE D 47 -16.35 -5.49 -1.64
C PHE D 47 -17.68 -4.73 -1.55
N ARG D 48 -18.80 -5.43 -1.45
CA ARG D 48 -20.11 -4.77 -1.41
C ARG D 48 -20.51 -4.03 -0.10
N GLN D 49 -19.70 -4.15 0.95
CA GLN D 49 -20.01 -3.61 2.28
C GLN D 49 -18.69 -3.29 3.01
N PRO D 50 -18.72 -2.37 3.99
CA PRO D 50 -17.47 -2.06 4.72
C PRO D 50 -16.92 -3.26 5.46
N VAL D 51 -15.61 -3.35 5.54
CA VAL D 51 -14.94 -4.46 6.21
C VAL D 51 -15.29 -4.39 7.68
N ASP D 52 -15.80 -5.49 8.27
CA ASP D 52 -16.15 -5.51 9.72
C ASP D 52 -15.22 -6.45 10.51
N PRO D 53 -14.19 -5.89 11.15
CA PRO D 53 -13.21 -6.67 11.93
C PRO D 53 -13.71 -7.67 12.95
N GLN D 54 -14.62 -7.26 13.84
CA GLN D 54 -15.18 -8.16 14.85
C GLN D 54 -15.97 -9.30 14.20
N LEU D 55 -16.74 -8.97 13.17
CA LEU D 55 -17.57 -9.96 12.45
C LEU D 55 -16.78 -11.00 11.64
N LEU D 56 -15.65 -10.56 11.09
CA LEU D 56 -14.78 -11.40 10.28
C LEU D 56 -13.60 -11.95 11.08
N GLY D 57 -13.50 -11.58 12.36
CA GLY D 57 -12.41 -12.08 13.20
C GLY D 57 -11.01 -11.64 12.75
N ILE D 58 -10.85 -10.40 12.31
CA ILE D 58 -9.51 -9.86 11.92
C ILE D 58 -9.18 -8.57 12.68
N PRO D 59 -8.83 -8.68 13.99
CA PRO D 59 -8.74 -7.49 14.84
C PRO D 59 -7.65 -6.46 14.48
N ASP D 60 -6.62 -6.84 13.73
CA ASP D 60 -5.55 -5.94 13.32
C ASP D 60 -5.88 -5.12 12.06
N TYR D 61 -7.06 -5.33 11.46
CA TYR D 61 -7.37 -4.68 10.20
C TYR D 61 -7.15 -3.14 10.19
N PHE D 62 -7.57 -2.42 11.26
CA PHE D 62 -7.44 -0.94 11.32
C PHE D 62 -6.06 -0.43 11.70
N ASP D 63 -5.24 -1.25 12.34
CA ASP D 63 -3.81 -0.96 12.47
C ASP D 63 -3.11 -0.81 11.12
N ILE D 64 -3.62 -1.45 10.07
CA ILE D 64 -2.99 -1.50 8.74
C ILE D 64 -3.71 -0.65 7.70
N VAL D 65 -5.03 -0.77 7.62
CA VAL D 65 -5.86 0.07 6.73
C VAL D 65 -6.42 1.24 7.51
N LYS D 66 -5.91 2.45 7.21
CA LYS D 66 -6.34 3.68 7.93
C LYS D 66 -7.49 4.44 7.25
N ASN D 67 -7.72 4.20 5.96
CA ASN D 67 -8.78 4.85 5.21
C ASN D 67 -9.58 3.75 4.54
N PRO D 68 -10.53 3.14 5.25
CA PRO D 68 -11.36 2.10 4.61
C PRO D 68 -12.17 2.66 3.46
N MET D 69 -12.44 1.82 2.47
CA MET D 69 -13.37 2.12 1.38
C MET D 69 -14.05 0.83 0.85
N ASP D 70 -15.28 0.94 0.36
CA ASP D 70 -15.97 -0.19 -0.28
C ASP D 70 -16.97 0.28 -1.33
N LEU D 71 -17.62 -0.65 -2.02
CA LEU D 71 -18.60 -0.31 -3.04
C LEU D 71 -19.82 0.50 -2.53
N SER D 72 -20.37 0.11 -1.37
CA SER D 72 -21.53 0.84 -0.80
C SER D 72 -21.22 2.33 -0.50
N THR D 73 -20.05 2.59 0.09
CA THR D 73 -19.61 3.95 0.37
C THR D 73 -19.44 4.73 -0.95
N ILE D 74 -18.94 4.07 -1.99
CA ILE D 74 -18.75 4.73 -3.27
C ILE D 74 -20.09 5.09 -3.91
N LYS D 75 -21.00 4.13 -3.98
CA LYS D 75 -22.35 4.33 -4.56
C LYS D 75 -23.14 5.44 -3.86
N ARG D 76 -23.04 5.49 -2.54
CA ARG D 76 -23.67 6.52 -1.72
C ARG D 76 -23.12 7.91 -2.07
N LYS D 77 -21.79 8.03 -2.07
CA LYS D 77 -21.11 9.26 -2.44
C LYS D 77 -21.50 9.68 -3.85
N LEU D 78 -21.49 8.73 -4.78
CA LEU D 78 -22.02 8.96 -6.14
C LEU D 78 -23.44 9.49 -6.11
N ASP D 79 -24.34 8.78 -5.44
CA ASP D 79 -25.78 9.12 -5.42
C ASP D 79 -26.16 10.37 -4.60
N THR D 80 -25.21 11.05 -3.97
CA THR D 80 -25.49 12.25 -3.15
C THR D 80 -24.68 13.49 -3.60
N GLY D 81 -23.98 13.40 -4.73
CA GLY D 81 -23.20 14.52 -5.27
C GLY D 81 -21.78 14.72 -4.77
N GLN D 82 -21.25 13.80 -3.96
CA GLN D 82 -19.99 14.07 -3.22
C GLN D 82 -18.71 14.11 -4.09
N TYR D 83 -18.78 13.69 -5.35
CA TYR D 83 -17.67 13.89 -6.30
C TYR D 83 -17.99 15.06 -7.26
N GLN D 84 -17.18 16.10 -7.20
CA GLN D 84 -17.31 17.26 -8.10
C GLN D 84 -16.59 17.03 -9.41
N GLU D 85 -15.59 16.13 -9.38
CA GLU D 85 -14.71 15.82 -10.49
C GLU D 85 -14.58 14.30 -10.69
N PRO D 86 -14.50 13.83 -11.96
CA PRO D 86 -14.42 12.38 -12.20
C PRO D 86 -13.22 11.65 -11.57
N TRP D 87 -12.08 12.32 -11.43
CA TRP D 87 -10.91 11.67 -10.79
C TRP D 87 -11.15 11.26 -9.33
N GLN D 88 -11.88 12.08 -8.58
CA GLN D 88 -12.17 11.80 -7.16
C GLN D 88 -12.87 10.43 -6.91
N TYR D 89 -13.63 10.00 -7.90
CA TYR D 89 -14.30 8.71 -7.91
C TYR D 89 -13.24 7.61 -8.16
N VAL D 90 -12.37 7.86 -9.14
CA VAL D 90 -11.33 6.90 -9.48
C VAL D 90 -10.37 6.71 -8.31
N ASP D 91 -10.06 7.79 -7.58
CA ASP D 91 -9.25 7.65 -6.34
C ASP D 91 -9.92 6.74 -5.29
N ASP D 92 -11.24 6.87 -5.14
CA ASP D 92 -12.00 6.03 -4.23
C ASP D 92 -12.02 4.57 -4.70
N VAL D 93 -12.19 4.31 -6.02
CA VAL D 93 -12.09 2.94 -6.52
C VAL D 93 -10.72 2.31 -6.22
N TRP D 94 -9.63 3.01 -6.56
CA TRP D 94 -8.28 2.48 -6.33
C TRP D 94 -7.87 2.40 -4.87
N LEU D 95 -8.40 3.29 -4.01
CA LEU D 95 -8.14 3.16 -2.56
C LEU D 95 -8.74 1.83 -2.05
N MET D 96 -9.90 1.44 -2.56
CA MET D 96 -10.53 0.20 -2.18
C MET D 96 -9.67 -1.00 -2.65
N PHE D 97 -9.23 -0.95 -3.91
CA PHE D 97 -8.34 -1.99 -4.44
C PHE D 97 -7.03 -2.09 -3.65
N ASN D 98 -6.30 -0.97 -3.56
CA ASN D 98 -5.04 -0.93 -2.82
C ASN D 98 -5.12 -1.35 -1.34
N ASN D 99 -6.25 -1.11 -0.68
CA ASN D 99 -6.45 -1.56 0.70
C ASN D 99 -6.46 -3.11 0.78
N ALA D 100 -7.09 -3.72 -0.22
CA ALA D 100 -7.24 -5.18 -0.29
C ALA D 100 -5.89 -5.88 -0.56
N TRP D 101 -5.19 -5.32 -1.54
CA TRP D 101 -3.85 -5.73 -1.94
C TRP D 101 -2.87 -5.54 -0.81
N LEU D 102 -3.02 -4.47 -0.06
CA LEU D 102 -2.19 -4.22 1.10
C LEU D 102 -2.43 -5.15 2.26
N TYR D 103 -3.67 -5.28 2.72
CA TYR D 103 -4.00 -6.14 3.87
C TYR D 103 -3.89 -7.67 3.54
N ASN D 104 -4.30 -8.10 2.35
CA ASN D 104 -4.47 -9.54 2.10
C ASN D 104 -3.31 -10.23 1.36
N ARG D 105 -3.14 -11.53 1.62
CA ARG D 105 -2.07 -12.32 0.98
C ARG D 105 -2.39 -12.60 -0.49
N LYS D 106 -1.35 -12.65 -1.33
CA LYS D 106 -1.47 -12.89 -2.81
C LYS D 106 -2.25 -14.15 -3.22
N THR D 107 -2.24 -15.15 -2.36
CA THR D 107 -3.00 -16.39 -2.54
C THR D 107 -4.45 -16.37 -2.00
N SER D 108 -4.86 -15.31 -1.28
CA SER D 108 -6.23 -15.22 -0.73
C SER D 108 -7.21 -14.93 -1.85
N ARG D 109 -8.44 -15.37 -1.67
CA ARG D 109 -9.52 -15.10 -2.65
C ARG D 109 -9.89 -13.60 -2.66
N VAL D 110 -9.70 -12.91 -1.54
CA VAL D 110 -9.96 -11.47 -1.52
C VAL D 110 -9.00 -10.73 -2.46
N TYR D 111 -7.71 -11.05 -2.33
CA TYR D 111 -6.70 -10.50 -3.26
C TYR D 111 -7.02 -10.81 -4.72
N LYS D 112 -7.34 -12.08 -4.97
CA LYS D 112 -7.50 -12.59 -6.33
C LYS D 112 -8.70 -11.95 -7.00
N PHE D 113 -9.79 -11.83 -6.24
CA PHE D 113 -11.02 -11.19 -6.72
C PHE D 113 -10.74 -9.72 -7.02
N CYS D 114 -10.02 -9.09 -6.11
CA CYS D 114 -9.64 -7.69 -6.30
C CYS D 114 -9.00 -7.42 -7.68
N SER D 115 -8.09 -8.30 -8.09
CA SER D 115 -7.41 -8.15 -9.38
C SER D 115 -8.39 -8.30 -10.56
N LYS D 116 -9.37 -9.18 -10.40
CA LYS D 116 -10.40 -9.33 -11.41
C LYS D 116 -11.23 -8.06 -11.54
N LEU D 117 -11.57 -7.47 -10.41
CA LEU D 117 -12.41 -6.28 -10.43
C LEU D 117 -11.67 -5.17 -11.15
N ALA D 118 -10.38 -5.01 -10.83
CA ALA D 118 -9.56 -3.95 -11.40
C ALA D 118 -9.38 -4.04 -12.92
N GLU D 119 -9.20 -5.24 -13.44
CA GLU D 119 -9.14 -5.43 -14.89
C GLU D 119 -10.48 -5.05 -15.51
N VAL D 120 -11.57 -5.43 -14.85
CA VAL D 120 -12.92 -5.04 -15.29
C VAL D 120 -13.10 -3.53 -15.20
N PHE D 121 -12.59 -2.91 -14.14
CA PHE D 121 -12.64 -1.44 -14.04
C PHE D 121 -11.87 -0.74 -15.15
N GLU D 122 -10.63 -1.18 -15.42
CA GLU D 122 -9.81 -0.55 -16.48
C GLU D 122 -10.46 -0.64 -17.88
N GLN D 123 -11.17 -1.74 -18.12
CA GLN D 123 -11.84 -1.99 -19.39
C GLN D 123 -13.20 -1.27 -19.53
N GLU D 124 -13.66 -0.59 -18.47
CA GLU D 124 -14.89 0.25 -18.49
C GLU D 124 -14.59 1.74 -18.35
N ILE D 125 -13.67 2.08 -17.45
CA ILE D 125 -13.38 3.46 -17.14
C ILE D 125 -12.71 4.22 -18.30
N ASP D 126 -11.94 3.52 -19.13
CA ASP D 126 -11.14 4.17 -20.20
C ASP D 126 -11.95 4.97 -21.26
N PRO D 127 -12.90 4.32 -21.95
CA PRO D 127 -13.76 5.08 -22.89
C PRO D 127 -14.59 6.22 -22.24
N VAL D 128 -15.04 6.01 -21.01
CA VAL D 128 -15.88 6.99 -20.30
C VAL D 128 -15.07 8.23 -19.90
N MET D 129 -13.88 8.03 -19.35
CA MET D 129 -12.98 9.14 -19.00
C MET D 129 -12.45 9.92 -20.22
N GLN D 130 -12.50 9.30 -21.41
CA GLN D 130 -12.11 9.99 -22.65
C GLN D 130 -13.08 11.11 -23.00
N SER D 131 -14.39 10.84 -22.93
CA SER D 131 -15.43 11.84 -23.25
C SER D 131 -15.81 12.79 -22.09
N LEU D 132 -14.79 13.40 -21.46
CA LEU D 132 -14.94 14.30 -20.29
C LEU D 132 -13.88 15.40 -20.30
CAM GAY E . -12.16 -6.42 1.49
CAL GAY E . -11.45 -7.17 2.64
OAN GAY E . -10.26 -6.87 2.82
CAG GAY E . -12.05 -8.29 3.15
CAH GAY E . -13.32 -8.73 2.89
NAE GAY E . -11.46 -9.23 3.92
CAD GAY E . -10.14 -9.25 4.43
CAC GAY E . -9.75 -10.32 5.22
CAB GAY E . -10.65 -11.35 5.46
OAJ GAY E . -10.20 -12.38 6.25
CAK GAY E . -11.10 -13.37 6.71
CAA GAY E . -11.97 -11.27 4.93
CAF GAY E . -12.37 -10.22 4.15
CAI GAY E . -13.53 -9.92 3.51
CAO GAY E . -14.70 -10.69 3.47
OAP GAY E . -14.66 -11.92 3.68
NAQ GAY E . -15.87 -10.11 2.98
CAR GAY E . -17.03 -10.80 2.71
CAS GAY E . -17.00 -11.87 1.74
FAX GAY E . -15.78 -12.19 1.20
CAW GAY E . -18.26 -10.43 3.26
CAV GAY E . -19.43 -11.11 2.94
CAU GAY E . -19.39 -12.15 2.03
CAT GAY E . -18.18 -12.59 1.42
CAY GAY E . -18.20 -13.62 0.53
CBC GAY E . -19.24 -14.46 0.32
CAZ GAY E . -17.24 -13.97 -0.34
NBA GAY E . -17.66 -15.00 -1.06
NBB GAY E . -18.89 -15.30 -0.65
CBD GAY E . -19.67 -16.43 -1.25
C1 GOL F . -26.27 -22.52 -2.37
O1 GOL F . -25.14 -22.20 -1.55
C2 GOL F . -27.18 -23.65 -1.81
O2 GOL F . -26.71 -24.94 -2.25
C3 GOL F . -27.28 -23.50 -0.28
O3 GOL F . -28.04 -24.55 0.33
CAM GAY G . 11.85 6.42 -1.30
CAL GAY G . 11.62 6.83 0.15
OAN GAY G . 10.59 6.42 0.67
CAG GAY G . 12.41 7.78 0.74
CAH GAY G . 13.49 8.37 0.20
NAE GAY G . 12.20 8.34 1.96
CAD GAY G . 11.21 8.07 2.93
CAC GAY G . 11.22 8.78 4.11
CAB GAY G . 12.20 9.75 4.34
OAJ GAY G . 12.14 10.39 5.57
CAK GAY G . 12.95 11.53 5.82
CAA GAY G . 13.19 9.95 3.35
CAF GAY G . 13.19 9.26 2.16
CAI GAY G . 14.00 9.26 1.07
CAO GAY G . 15.07 10.09 0.81
OAP GAY G . 15.08 11.26 1.24
NAQ GAY G . 16.07 9.64 -0.05
CAR GAY G . 17.07 10.44 -0.56
CAS GAY G . 16.78 11.73 -1.14
FAX GAY G . 15.54 12.22 -1.07
CAW GAY G . 18.38 9.97 -0.65
CAV GAY G . 19.39 10.77 -1.22
CAU GAY G . 19.11 12.03 -1.76
CAT GAY G . 17.79 12.57 -1.71
CAY GAY G . 17.54 13.82 -2.25
CBC GAY G . 18.43 14.79 -2.53
CAZ GAY G . 16.34 14.27 -2.70
NBA GAY G . 16.49 15.49 -3.21
NBB GAY G . 17.79 15.81 -3.10
CBD GAY G . 18.31 17.12 -3.58
N NO3 H . 37.59 19.59 -11.18
O1 NO3 H . 37.39 19.45 -12.38
O2 NO3 H . 38.77 20.17 -10.67
O3 NO3 H . 36.62 19.16 -10.28
S DMS I . 26.24 24.32 -4.17
O DMS I . 26.91 24.92 -2.99
C1 DMS I . 25.06 23.13 -3.76
C2 DMS I . 25.22 25.46 -4.96
C1 PEG J . -1.72 1.71 -10.97
O1 PEG J . -1.26 0.57 -11.74
C2 PEG J . -2.83 2.50 -11.66
O2 PEG J . -3.04 3.80 -11.04
C3 PEG J . -2.18 4.84 -11.56
C4 PEG J . -1.64 5.73 -10.44
O4 PEG J . -2.17 7.07 -10.54
N NO3 K . -0.91 8.25 -6.96
O1 NO3 K . -0.95 8.52 -5.75
O2 NO3 K . -1.35 6.99 -7.40
O3 NO3 K . -0.44 9.21 -7.88
C1 EDO L . -5.67 5.91 -10.81
O1 EDO L . -6.44 6.95 -11.41
C2 EDO L . -5.32 6.33 -9.39
O2 EDO L . -4.75 5.23 -8.68
C1 EDO M . -27.74 7.92 2.76
O1 EDO M . -27.01 8.90 1.99
C2 EDO M . -27.45 8.05 4.26
O2 EDO M . -26.66 6.93 4.69
#